data_9H8F
#
_entry.id   9H8F
#
_cell.length_a   78.611
_cell.length_b   67.868
_cell.length_c   63.669
_cell.angle_alpha   90.00
_cell.angle_beta   94.87
_cell.angle_gamma   90.00
#
_symmetry.space_group_name_H-M   'C 1 2 1'
#
loop_
_entity.id
_entity.type
_entity.pdbx_description
1 polymer 'Mitogen-activated protein kinase kinase kinase kinase 1'
2 non-polymer 5-cyclopropyl-6-(3-methylimidazo[4,5-c]pyridin-7-yl)-3-[[3-methyl-1-[2,2,2-tris(fluoranyl)ethyl]pyrazol-4-yl]amino]pyrazine-2-carboxamide
3 non-polymer 1,2-ETHANEDIOL
4 water water
#
_entity_poly.entity_id   1
_entity_poly.type   'polypeptide(L)'
_entity_poly.pdbx_seq_one_letter_code
;GSDVVDPDIFNRDPRDHYDLLQRLGGGTYGEVFKARDKVSGDLVALKMVKMEPDDDVSTLQKEILILKTCRHANIVAYHG
SYLWLQKLWICMEFCGAGSLQDIYQVTGSLSELQISYVCREVLQGLAYLHSQKKIHRDIKGANILINDAGEVRLADFGIS
AQIGAELARRLEFIGTPYWMAPEVAAVALKGGYNELCDIWSLGITAIELAELQPPLFDVHPLRVLFLMTKSGYQPPRLKE
KGKWSAAFHNFIKVTLTKSPKKRPSATKMLSHQLVSQPGLNRGLILDLLDKLKN
;
_entity_poly.pdbx_strand_id   A
#
loop_
_chem_comp.id
_chem_comp.type
_chem_comp.name
_chem_comp.formula
A1ITB non-polymer 5-cyclopropyl-6-(3-methylimidazo[4,5-c]pyridin-7-yl)-3-[[3-methyl-1-[2,2,2-tris(fluoranyl)ethyl]pyrazol-4-yl]amino]pyrazine-2-carboxamide 'C21 H20 F3 N9 O'
EDO non-polymer 1,2-ETHANEDIOL 'C2 H6 O2'
#
# COMPACT_ATOMS: atom_id res chain seq x y z
N ASP A 8 5.10 -19.38 -17.21
CA ASP A 8 4.80 -18.27 -16.32
C ASP A 8 3.39 -18.40 -15.71
N ILE A 9 2.40 -18.74 -16.54
CA ILE A 9 1.03 -18.90 -16.07
C ILE A 9 0.62 -20.36 -16.30
N PHE A 10 0.13 -21.04 -15.26
CA PHE A 10 -0.29 -22.43 -15.41
C PHE A 10 -1.76 -22.51 -15.84
N ASN A 11 -2.06 -23.31 -16.87
CA ASN A 11 -3.43 -23.52 -17.33
C ASN A 11 -4.02 -24.68 -16.50
N ARG A 12 -4.17 -24.48 -15.19
CA ARG A 12 -4.69 -25.51 -14.30
C ARG A 12 -5.20 -24.97 -12.97
N ASP A 13 -5.85 -25.82 -12.19
CA ASP A 13 -6.40 -25.46 -10.88
C ASP A 13 -5.27 -25.22 -9.91
N PRO A 14 -5.27 -24.07 -9.20
CA PRO A 14 -4.22 -23.86 -8.19
C PRO A 14 -4.23 -24.93 -7.09
N ARG A 15 -5.42 -25.50 -6.82
CA ARG A 15 -5.61 -26.56 -5.83
C ARG A 15 -4.82 -27.85 -6.19
N ASP A 16 -4.30 -27.97 -7.43
CA ASP A 16 -3.45 -29.13 -7.79
C ASP A 16 -2.05 -28.99 -7.14
N HIS A 17 -1.63 -27.77 -6.78
CA HIS A 17 -0.34 -27.53 -6.16
C HIS A 17 -0.46 -26.95 -4.73
N TYR A 18 -1.65 -26.47 -4.33
CA TYR A 18 -1.84 -25.87 -3.01
C TYR A 18 -3.08 -26.39 -2.30
N ASP A 19 -3.04 -26.39 -0.96
CA ASP A 19 -4.21 -26.74 -0.17
C ASP A 19 -4.84 -25.39 0.19
N LEU A 20 -6.09 -25.14 -0.22
CA LEU A 20 -6.76 -23.87 0.06
C LEU A 20 -7.24 -23.82 1.51
N LEU A 21 -6.84 -22.81 2.25
CA LEU A 21 -7.28 -22.62 3.63
C LEU A 21 -8.24 -21.40 3.73
N GLN A 22 -8.44 -20.84 4.93
CA GLN A 22 -9.36 -19.75 5.20
C GLN A 22 -9.25 -18.54 4.29
N ARG A 23 -10.38 -17.90 4.03
CA ARG A 23 -10.39 -16.64 3.31
C ARG A 23 -9.91 -15.59 4.31
N LEU A 24 -8.92 -14.78 3.94
CA LEU A 24 -8.40 -13.74 4.82
C LEU A 24 -9.22 -12.45 4.64
N GLY A 25 -9.44 -12.05 3.40
CA GLY A 25 -10.17 -10.84 3.09
C GLY A 25 -10.34 -10.64 1.61
N GLY A 26 -10.81 -9.47 1.23
CA GLY A 26 -11.04 -9.18 -0.17
C GLY A 26 -11.49 -7.76 -0.44
N GLY A 27 -11.28 -7.33 -1.67
CA GLY A 27 -11.65 -6.01 -2.12
C GLY A 27 -11.57 -5.90 -3.62
N THR A 28 -11.34 -4.68 -4.13
CA THR A 28 -11.20 -4.44 -5.57
C THR A 28 -9.99 -5.17 -6.19
N TYR A 29 -8.98 -5.51 -5.36
CA TYR A 29 -7.78 -6.24 -5.77
C TYR A 29 -8.00 -7.76 -5.91
N GLY A 30 -9.14 -8.27 -5.44
CA GLY A 30 -9.42 -9.71 -5.51
C GLY A 30 -9.80 -10.31 -4.17
N GLU A 31 -9.86 -11.64 -4.10
CA GLU A 31 -10.21 -12.35 -2.88
C GLU A 31 -8.97 -13.07 -2.42
N VAL A 32 -8.55 -12.87 -1.18
CA VAL A 32 -7.28 -13.42 -0.71
C VAL A 32 -7.47 -14.52 0.31
N PHE A 33 -6.83 -15.67 0.06
CA PHE A 33 -6.92 -16.81 0.95
C PHE A 33 -5.56 -17.23 1.48
N LYS A 34 -5.55 -17.79 2.69
CA LYS A 34 -4.35 -18.44 3.22
C LYS A 34 -4.27 -19.80 2.47
N ALA A 35 -3.06 -20.27 2.17
CA ALA A 35 -2.86 -21.55 1.47
C ALA A 35 -1.50 -22.16 1.82
N ARG A 36 -1.34 -23.47 1.58
CA ARG A 36 -0.09 -24.15 1.90
C ARG A 36 0.41 -24.92 0.69
N ASP A 37 1.70 -24.77 0.34
CA ASP A 37 2.32 -25.48 -0.78
C ASP A 37 2.32 -26.97 -0.47
N LYS A 38 1.74 -27.79 -1.37
CA LYS A 38 1.63 -29.22 -1.17
C LYS A 38 2.96 -29.95 -0.97
N VAL A 39 4.03 -29.50 -1.64
CA VAL A 39 5.31 -30.18 -1.53
C VAL A 39 6.18 -29.62 -0.39
N SER A 40 6.46 -28.32 -0.38
CA SER A 40 7.30 -27.72 0.65
C SER A 40 6.63 -27.54 2.02
N GLY A 41 5.30 -27.41 2.04
CA GLY A 41 4.58 -27.18 3.29
C GLY A 41 4.58 -25.73 3.74
N ASP A 42 5.18 -24.83 2.96
CA ASP A 42 5.26 -23.41 3.30
C ASP A 42 3.92 -22.70 3.12
N LEU A 43 3.67 -21.71 3.96
CA LEU A 43 2.44 -20.91 3.87
C LEU A 43 2.58 -19.87 2.78
N VAL A 44 1.51 -19.66 2.01
CA VAL A 44 1.44 -18.67 0.93
C VAL A 44 0.06 -17.97 0.99
N ALA A 45 -0.11 -16.90 0.20
CA ALA A 45 -1.39 -16.25 0.06
C ALA A 45 -1.81 -16.44 -1.40
N LEU A 46 -3.03 -16.93 -1.64
CA LEU A 46 -3.52 -17.08 -3.01
C LEU A 46 -4.56 -16.02 -3.21
N LYS A 47 -4.45 -15.24 -4.28
CA LYS A 47 -5.37 -14.16 -4.56
C LYS A 47 -6.12 -14.44 -5.84
N MET A 48 -7.44 -14.60 -5.76
CA MET A 48 -8.29 -14.87 -6.90
C MET A 48 -8.79 -13.54 -7.50
N VAL A 49 -8.49 -13.31 -8.79
CA VAL A 49 -8.88 -12.10 -9.51
C VAL A 49 -9.79 -12.47 -10.68
N LYS A 50 -11.00 -11.91 -10.72
CA LYS A 50 -11.93 -12.21 -11.81
C LYS A 50 -11.46 -11.49 -13.07
N MET A 51 -11.47 -12.18 -14.21
CA MET A 51 -11.00 -11.59 -15.45
C MET A 51 -12.08 -10.99 -16.33
N GLU A 52 -11.73 -9.96 -17.11
CA GLU A 52 -12.64 -9.36 -18.09
C GLU A 52 -12.53 -10.26 -19.33
N PRO A 53 -13.65 -10.74 -19.85
CA PRO A 53 -13.61 -11.62 -21.04
C PRO A 53 -12.94 -11.01 -22.27
N ASP A 54 -12.88 -9.67 -22.37
CA ASP A 54 -12.25 -8.98 -23.51
C ASP A 54 -10.73 -9.05 -23.49
N ASP A 55 -10.12 -9.19 -22.31
CA ASP A 55 -8.67 -9.26 -22.17
C ASP A 55 -8.14 -10.63 -22.66
N ASP A 56 -7.51 -10.66 -23.85
CA ASP A 56 -6.98 -11.90 -24.40
C ASP A 56 -5.79 -12.43 -23.58
N VAL A 57 -5.38 -13.69 -23.81
CA VAL A 57 -4.29 -14.27 -23.04
C VAL A 57 -2.97 -13.50 -23.26
N SER A 58 -2.79 -12.80 -24.41
CA SER A 58 -1.59 -11.99 -24.63
C SER A 58 -1.58 -10.79 -23.66
N THR A 59 -2.75 -10.18 -23.45
CA THR A 59 -2.93 -9.06 -22.53
C THR A 59 -2.66 -9.54 -21.10
N LEU A 60 -3.19 -10.71 -20.74
CA LEU A 60 -2.96 -11.32 -19.43
C LEU A 60 -1.48 -11.66 -19.22
N GLN A 61 -0.82 -12.24 -20.24
CA GLN A 61 0.60 -12.59 -20.15
C GLN A 61 1.47 -11.35 -19.96
N LYS A 62 1.13 -10.24 -20.63
CA LYS A 62 1.88 -9.00 -20.48
C LYS A 62 1.83 -8.48 -19.05
N GLU A 63 0.68 -8.67 -18.38
CA GLU A 63 0.49 -8.22 -17.01
C GLU A 63 1.15 -9.16 -16.00
N ILE A 64 1.15 -10.48 -16.25
CA ILE A 64 1.84 -11.42 -15.36
C ILE A 64 3.36 -11.24 -15.47
N LEU A 65 3.86 -10.90 -16.68
CA LEU A 65 5.29 -10.63 -16.84
C LEU A 65 5.69 -9.40 -16.01
N ILE A 66 4.84 -8.37 -16.00
CA ILE A 66 5.08 -7.18 -15.18
C ILE A 66 5.05 -7.57 -13.70
N LEU A 67 4.03 -8.33 -13.27
CA LEU A 67 3.90 -8.82 -11.90
C LEU A 67 5.16 -9.53 -11.41
N LYS A 68 5.81 -10.26 -12.31
CA LYS A 68 7.02 -11.04 -12.05
C LYS A 68 8.31 -10.19 -12.10
N THR A 69 8.40 -9.22 -13.03
CA THR A 69 9.64 -8.43 -13.15
C THR A 69 9.65 -7.20 -12.24
N CYS A 70 8.49 -6.64 -11.88
CA CYS A 70 8.42 -5.48 -11.00
C CYS A 70 8.57 -6.06 -9.58
N ARG A 71 9.84 -6.30 -9.15
CA ARG A 71 10.23 -6.99 -7.92
C ARG A 71 11.10 -6.13 -6.98
N HIS A 72 10.81 -6.14 -5.68
CA HIS A 72 11.60 -5.39 -4.72
C HIS A 72 11.39 -5.99 -3.34
N ALA A 73 12.41 -5.92 -2.48
CA ALA A 73 12.29 -6.46 -1.11
C ALA A 73 11.12 -5.84 -0.31
N ASN A 74 10.72 -4.61 -0.61
CA ASN A 74 9.62 -3.95 0.10
C ASN A 74 8.26 -4.05 -0.60
N ILE A 75 8.10 -5.01 -1.51
CA ILE A 75 6.81 -5.30 -2.17
C ILE A 75 6.61 -6.79 -2.00
N VAL A 76 5.38 -7.24 -1.62
CA VAL A 76 5.09 -8.66 -1.43
C VAL A 76 5.44 -9.44 -2.69
N ALA A 77 6.29 -10.45 -2.55
CA ALA A 77 6.80 -11.24 -3.66
C ALA A 77 5.72 -12.04 -4.38
N TYR A 78 5.86 -12.13 -5.71
CA TYR A 78 5.00 -12.91 -6.58
C TYR A 78 5.68 -14.29 -6.76
N HIS A 79 4.90 -15.37 -6.67
CA HIS A 79 5.46 -16.73 -6.79
C HIS A 79 5.05 -17.46 -8.06
N GLY A 80 3.82 -17.22 -8.51
CA GLY A 80 3.30 -17.88 -9.69
C GLY A 80 1.83 -17.58 -9.93
N SER A 81 1.29 -17.99 -11.09
CA SER A 81 -0.12 -17.73 -11.40
C SER A 81 -0.81 -18.88 -12.09
N TYR A 82 -2.13 -18.95 -11.94
CA TYR A 82 -2.97 -20.00 -12.50
C TYR A 82 -4.16 -19.38 -13.18
N LEU A 83 -4.48 -19.87 -14.37
CA LEU A 83 -5.66 -19.43 -15.08
C LEU A 83 -6.65 -20.58 -14.91
N TRP A 84 -7.74 -20.34 -14.17
CA TRP A 84 -8.71 -21.39 -13.91
C TRP A 84 -10.13 -20.84 -13.84
N LEU A 85 -11.03 -21.36 -14.68
CA LEU A 85 -12.44 -20.97 -14.75
C LEU A 85 -12.63 -19.45 -14.91
N GLN A 86 -11.96 -18.84 -15.92
CA GLN A 86 -12.04 -17.40 -16.18
C GLN A 86 -11.52 -16.53 -15.03
N LYS A 87 -10.73 -17.11 -14.12
CA LYS A 87 -10.18 -16.40 -12.99
C LYS A 87 -8.67 -16.56 -12.96
N LEU A 88 -7.99 -15.53 -12.53
CA LEU A 88 -6.54 -15.55 -12.43
C LEU A 88 -6.20 -15.67 -10.97
N TRP A 89 -5.54 -16.75 -10.57
CA TRP A 89 -5.12 -16.94 -9.20
C TRP A 89 -3.65 -16.58 -9.10
N ILE A 90 -3.32 -15.64 -8.23
CA ILE A 90 -1.95 -15.20 -8.03
C ILE A 90 -1.40 -15.72 -6.71
N CYS A 91 -0.26 -16.40 -6.75
CA CYS A 91 0.39 -16.88 -5.55
C CYS A 91 1.37 -15.83 -5.08
N MET A 92 1.27 -15.45 -3.81
CA MET A 92 2.13 -14.41 -3.27
C MET A 92 2.67 -14.75 -1.89
N GLU A 93 3.71 -14.03 -1.47
CA GLU A 93 4.35 -14.17 -0.19
C GLU A 93 3.32 -13.94 0.95
N PHE A 94 3.29 -14.85 1.91
CA PHE A 94 2.37 -14.77 3.05
C PHE A 94 2.92 -13.80 4.09
N CYS A 95 2.13 -12.77 4.45
CA CYS A 95 2.54 -11.81 5.46
C CYS A 95 1.70 -12.06 6.69
N GLY A 96 2.25 -12.85 7.60
CA GLY A 96 1.55 -13.35 8.79
C GLY A 96 0.83 -12.40 9.73
N ALA A 97 1.31 -11.14 9.87
CA ALA A 97 0.67 -10.19 10.78
C ALA A 97 -0.38 -9.30 10.14
N GLY A 98 -0.69 -9.53 8.86
CA GLY A 98 -1.69 -8.73 8.17
C GLY A 98 -1.19 -7.34 7.89
N SER A 99 -2.12 -6.39 7.74
CA SER A 99 -1.75 -5.01 7.43
C SER A 99 -1.42 -4.21 8.69
N LEU A 100 -0.83 -3.02 8.51
CA LEU A 100 -0.60 -2.11 9.61
C LEU A 100 -1.91 -1.66 10.23
N GLN A 101 -3.00 -1.58 9.47
CA GLN A 101 -4.33 -1.24 10.04
C GLN A 101 -4.81 -2.35 10.96
N ASP A 102 -4.61 -3.61 10.54
CA ASP A 102 -4.99 -4.76 11.38
C ASP A 102 -4.24 -4.73 12.70
N ILE A 103 -2.96 -4.32 12.66
CA ILE A 103 -2.15 -4.24 13.84
C ILE A 103 -2.56 -3.07 14.74
N TYR A 104 -2.63 -1.83 14.21
CA TYR A 104 -2.92 -0.67 15.06
C TYR A 104 -4.36 -0.70 15.62
N GLN A 105 -5.29 -1.43 14.96
CA GLN A 105 -6.64 -1.57 15.50
C GLN A 105 -6.70 -2.59 16.67
N VAL A 106 -5.53 -3.07 17.12
CA VAL A 106 -5.40 -3.90 18.30
C VAL A 106 -4.44 -3.15 19.24
N THR A 107 -3.26 -2.73 18.73
CA THR A 107 -2.23 -2.14 19.57
C THR A 107 -2.39 -0.68 19.97
N GLY A 108 -3.12 0.09 19.15
CA GLY A 108 -3.14 1.53 19.33
C GLY A 108 -2.00 2.17 18.53
N SER A 109 -1.82 3.48 18.68
CA SER A 109 -0.86 4.27 17.92
C SER A 109 0.56 3.74 17.96
N LEU A 110 1.19 3.74 16.79
CA LEU A 110 2.58 3.30 16.67
C LEU A 110 3.47 4.35 17.30
N SER A 111 4.65 3.94 17.74
CA SER A 111 5.61 4.88 18.29
C SER A 111 6.21 5.67 17.12
N GLU A 112 6.85 6.81 17.43
CA GLU A 112 7.48 7.60 16.37
C GLU A 112 8.61 6.79 15.65
N LEU A 113 9.42 5.98 16.40
CA LEU A 113 10.46 5.18 15.75
C LEU A 113 9.84 4.10 14.87
N GLN A 114 8.70 3.52 15.29
CA GLN A 114 8.06 2.50 14.47
C GLN A 114 7.55 3.12 13.15
N ILE A 115 6.95 4.33 13.23
CA ILE A 115 6.44 5.04 12.06
C ILE A 115 7.62 5.39 11.17
N SER A 116 8.75 5.85 11.75
CA SER A 116 9.94 6.19 10.95
C SER A 116 10.43 4.98 10.12
N TYR A 117 10.53 3.80 10.74
CA TYR A 117 10.95 2.56 10.05
C TYR A 117 9.97 2.20 8.95
N VAL A 118 8.66 2.24 9.27
CA VAL A 118 7.63 1.94 8.25
C VAL A 118 7.80 2.89 7.04
N CYS A 119 7.93 4.19 7.34
CA CYS A 119 8.09 5.19 6.29
C CYS A 119 9.33 4.96 5.46
N ARG A 120 10.45 4.61 6.06
CA ARG A 120 11.68 4.38 5.29
C ARG A 120 11.49 3.19 4.36
N GLU A 121 10.88 2.11 4.90
CA GLU A 121 10.68 0.91 4.11
C GLU A 121 9.70 1.14 2.94
N VAL A 122 8.60 1.84 3.20
CA VAL A 122 7.64 2.17 2.14
C VAL A 122 8.31 3.10 1.11
N LEU A 123 9.14 4.06 1.55
CA LEU A 123 9.84 4.96 0.61
C LEU A 123 10.79 4.18 -0.27
N GLN A 124 11.45 3.14 0.27
CA GLN A 124 12.31 2.28 -0.56
C GLN A 124 11.47 1.61 -1.67
N GLY A 125 10.31 1.09 -1.31
CA GLY A 125 9.42 0.47 -2.29
C GLY A 125 8.89 1.45 -3.32
N LEU A 126 8.50 2.67 -2.89
CA LEU A 126 7.98 3.69 -3.80
C LEU A 126 9.08 4.20 -4.74
N ALA A 127 10.32 4.36 -4.21
CA ALA A 127 11.42 4.82 -5.07
C ALA A 127 11.65 3.77 -6.18
N TYR A 128 11.54 2.47 -5.85
CA TYR A 128 11.68 1.42 -6.85
C TYR A 128 10.53 1.53 -7.88
N LEU A 129 9.27 1.56 -7.43
CA LEU A 129 8.13 1.65 -8.36
C LEU A 129 8.20 2.87 -9.24
N HIS A 130 8.63 4.03 -8.69
CA HIS A 130 8.75 5.24 -9.50
C HIS A 130 9.84 5.11 -10.55
N SER A 131 10.93 4.40 -10.20
CA SER A 131 12.01 4.17 -11.18
C SER A 131 11.53 3.29 -12.35
N GLN A 132 10.53 2.43 -12.10
CA GLN A 132 9.88 1.56 -13.09
C GLN A 132 8.69 2.25 -13.81
N LYS A 133 8.52 3.57 -13.60
CA LYS A 133 7.50 4.41 -14.22
C LYS A 133 6.07 4.01 -13.85
N LYS A 134 5.91 3.55 -12.62
CA LYS A 134 4.61 3.23 -12.09
C LYS A 134 4.25 4.25 -11.00
N ILE A 135 2.96 4.45 -10.80
CA ILE A 135 2.44 5.24 -9.69
C ILE A 135 1.61 4.25 -8.90
N HIS A 136 1.88 4.14 -7.59
CA HIS A 136 1.15 3.18 -6.76
C HIS A 136 -0.32 3.62 -6.62
N ARG A 137 -0.55 4.86 -6.16
CA ARG A 137 -1.88 5.44 -6.09
C ARG A 137 -2.82 4.71 -5.14
N ASP A 138 -2.28 3.89 -4.20
CA ASP A 138 -3.11 3.14 -3.25
C ASP A 138 -2.39 3.01 -1.91
N ILE A 139 -1.53 4.00 -1.54
CA ILE A 139 -0.82 3.92 -0.27
C ILE A 139 -1.73 4.27 0.88
N LYS A 140 -1.80 3.36 1.86
CA LYS A 140 -2.53 3.52 3.13
C LYS A 140 -2.10 2.38 4.06
N GLY A 141 -2.37 2.50 5.36
CA GLY A 141 -2.01 1.47 6.35
C GLY A 141 -2.51 0.08 5.99
N ALA A 142 -3.76 -0.06 5.48
CA ALA A 142 -4.31 -1.36 5.11
C ALA A 142 -3.55 -2.04 3.98
N ASN A 143 -2.77 -1.24 3.19
CA ASN A 143 -2.07 -1.79 2.02
C ASN A 143 -0.55 -1.95 2.23
N ILE A 144 -0.12 -1.90 3.48
CA ILE A 144 1.27 -2.13 3.88
C ILE A 144 1.17 -3.32 4.82
N LEU A 145 1.76 -4.46 4.43
CA LEU A 145 1.66 -5.70 5.16
C LEU A 145 2.92 -6.01 5.95
N ILE A 146 2.73 -6.71 7.06
CA ILE A 146 3.82 -7.05 7.97
C ILE A 146 3.94 -8.55 8.12
N ASN A 147 5.15 -9.10 7.94
CA ASN A 147 5.34 -10.54 8.13
C ASN A 147 5.75 -10.84 9.60
N ASP A 148 5.89 -12.12 9.95
CA ASP A 148 6.24 -12.49 11.32
C ASP A 148 7.64 -12.01 11.73
N ALA A 149 8.51 -11.69 10.76
CA ALA A 149 9.83 -11.17 11.07
C ALA A 149 9.86 -9.66 11.33
N GLY A 150 8.71 -8.96 11.18
CA GLY A 150 8.68 -7.52 11.37
C GLY A 150 9.02 -6.74 10.09
N GLU A 151 9.14 -7.45 8.96
CA GLU A 151 9.47 -6.81 7.69
C GLU A 151 8.26 -6.12 7.10
N VAL A 152 8.50 -5.01 6.40
CA VAL A 152 7.49 -4.14 5.85
C VAL A 152 7.39 -4.29 4.35
N ARG A 153 6.20 -4.64 3.85
CA ARG A 153 6.03 -4.85 2.42
C ARG A 153 4.76 -4.20 1.93
N LEU A 154 4.82 -3.48 0.80
CA LEU A 154 3.59 -3.00 0.15
C LEU A 154 2.85 -4.24 -0.38
N ALA A 155 1.53 -4.33 -0.14
CA ALA A 155 0.74 -5.48 -0.59
C ALA A 155 0.92 -5.78 -2.08
N ASP A 156 0.96 -4.74 -2.90
CA ASP A 156 1.14 -4.86 -4.34
C ASP A 156 1.77 -3.57 -4.89
N PHE A 157 1.98 -3.48 -6.22
CA PHE A 157 2.55 -2.27 -6.79
C PHE A 157 1.53 -1.16 -7.05
N GLY A 158 0.30 -1.31 -6.53
CA GLY A 158 -0.73 -0.29 -6.66
C GLY A 158 -1.84 -0.60 -7.65
N ILE A 159 -2.49 0.44 -8.13
CA ILE A 159 -3.64 0.25 -9.04
C ILE A 159 -3.35 -0.02 -10.51
N SER A 160 -2.10 0.08 -10.98
CA SER A 160 -1.80 0.03 -12.41
C SER A 160 -1.95 -1.30 -13.15
N ALA A 161 -2.26 -2.42 -12.46
CA ALA A 161 -2.46 -3.70 -13.18
C ALA A 161 -3.63 -3.59 -14.17
N GLN A 162 -3.33 -3.76 -15.48
CA GLN A 162 -4.33 -3.67 -16.55
C GLN A 162 -5.06 -5.00 -16.73
N ILE A 163 -5.44 -5.61 -15.61
CA ILE A 163 -6.19 -6.86 -15.54
C ILE A 163 -7.18 -6.78 -14.39
N GLY A 164 -8.20 -7.62 -14.40
CA GLY A 164 -9.19 -7.66 -13.34
C GLY A 164 -10.08 -6.43 -13.27
N ALA A 165 -10.51 -6.08 -12.05
CA ALA A 165 -11.41 -4.95 -11.83
C ALA A 165 -10.63 -3.63 -11.75
N GLU A 166 -9.83 -3.34 -12.79
CA GLU A 166 -9.03 -2.13 -12.88
C GLU A 166 -9.86 -0.87 -12.67
N LEU A 167 -11.03 -0.74 -13.35
CA LEU A 167 -11.81 0.49 -13.22
C LEU A 167 -12.32 0.70 -11.81
N ALA A 168 -12.84 -0.35 -11.17
CA ALA A 168 -13.33 -0.25 -9.79
C ALA A 168 -12.18 0.14 -8.84
N ARG A 169 -11.00 -0.42 -9.08
CA ARG A 169 -9.83 -0.11 -8.27
C ARG A 169 -9.39 1.32 -8.43
N ARG A 170 -9.39 1.80 -9.67
CA ARG A 170 -8.97 3.14 -10.00
C ARG A 170 -9.90 4.21 -9.40
N LEU A 171 -11.23 3.97 -9.44
CA LEU A 171 -12.21 4.95 -8.94
C LEU A 171 -12.56 4.83 -7.46
N GLU A 172 -12.05 3.79 -6.80
CA GLU A 172 -12.35 3.52 -5.39
C GLU A 172 -12.12 4.70 -4.47
N PHE A 173 -11.01 5.46 -4.66
CA PHE A 173 -10.75 6.62 -3.81
C PHE A 173 -11.86 7.67 -3.81
N ILE A 174 -12.71 7.75 -4.87
CA ILE A 174 -13.78 8.74 -4.88
C ILE A 174 -14.73 8.55 -3.66
N GLY A 175 -14.94 7.30 -3.25
CA GLY A 175 -15.74 7.00 -2.06
C GLY A 175 -14.95 6.96 -0.76
N THR A 176 -13.61 7.16 -0.82
CA THR A 176 -12.71 7.11 0.35
C THR A 176 -11.38 7.83 -0.01
N PRO A 177 -11.43 9.18 -0.10
CA PRO A 177 -10.31 9.93 -0.70
C PRO A 177 -9.29 10.45 0.28
N TYR A 178 -9.40 10.03 1.54
CA TYR A 178 -8.60 10.58 2.63
C TYR A 178 -7.09 10.48 2.45
N TRP A 179 -6.61 9.47 1.70
CA TRP A 179 -5.17 9.30 1.52
C TRP A 179 -4.64 9.87 0.18
N MET A 180 -5.51 10.46 -0.66
CA MET A 180 -5.03 10.98 -1.96
C MET A 180 -4.60 12.42 -1.92
N ALA A 181 -3.61 12.75 -2.76
CA ALA A 181 -3.08 14.09 -2.88
C ALA A 181 -4.12 15.02 -3.50
N PRO A 182 -4.05 16.33 -3.21
CA PRO A 182 -5.07 17.24 -3.76
C PRO A 182 -5.13 17.23 -5.30
N GLU A 183 -3.98 16.98 -5.99
CA GLU A 183 -4.03 16.91 -7.45
C GLU A 183 -4.74 15.63 -7.97
N VAL A 184 -4.84 14.58 -7.13
CA VAL A 184 -5.60 13.35 -7.44
C VAL A 184 -7.10 13.56 -7.08
N ALA A 185 -7.35 14.23 -5.93
CA ALA A 185 -8.69 14.62 -5.50
C ALA A 185 -9.37 15.54 -6.52
N ALA A 186 -8.59 16.26 -7.34
CA ALA A 186 -9.11 17.09 -8.42
C ALA A 186 -9.45 16.20 -9.63
N VAL A 187 -10.12 15.07 -9.33
CA VAL A 187 -10.54 14.07 -10.29
C VAL A 187 -11.50 14.66 -11.31
N ALA A 188 -11.33 14.26 -12.57
CA ALA A 188 -12.16 14.72 -13.71
C ALA A 188 -11.97 16.20 -14.09
N LEU A 189 -10.97 16.87 -13.49
CA LEU A 189 -10.57 18.20 -13.92
C LEU A 189 -9.38 18.03 -14.88
N LYS A 190 -9.01 19.09 -15.59
CA LYS A 190 -7.99 19.00 -16.64
C LYS A 190 -6.61 18.61 -16.20
N GLY A 191 -6.25 18.96 -14.97
CA GLY A 191 -4.90 18.71 -14.52
C GLY A 191 -4.75 17.25 -14.19
N GLY A 192 -3.64 16.66 -14.63
CA GLY A 192 -3.41 15.28 -14.26
C GLY A 192 -2.59 15.25 -12.99
N TYR A 193 -1.84 14.19 -12.85
CA TYR A 193 -0.99 14.02 -11.67
C TYR A 193 0.24 13.21 -12.05
N ASN A 194 1.19 13.08 -11.11
CA ASN A 194 2.38 12.29 -11.36
C ASN A 194 2.68 11.44 -10.09
N GLU A 195 3.81 10.78 -10.08
CA GLU A 195 4.18 9.87 -9.01
C GLU A 195 4.34 10.53 -7.64
N LEU A 196 4.47 11.87 -7.62
CA LEU A 196 4.59 12.58 -6.35
C LEU A 196 3.31 12.49 -5.50
N CYS A 197 2.16 12.09 -6.10
CA CYS A 197 0.94 11.87 -5.30
C CYS A 197 1.21 10.75 -4.26
N ASP A 198 2.12 9.78 -4.54
CA ASP A 198 2.42 8.73 -3.54
C ASP A 198 3.10 9.26 -2.29
N ILE A 199 3.94 10.29 -2.47
CA ILE A 199 4.65 10.89 -1.34
C ILE A 199 3.65 11.54 -0.38
N TRP A 200 2.61 12.20 -0.92
CA TRP A 200 1.55 12.79 -0.09
C TRP A 200 0.81 11.65 0.66
N SER A 201 0.45 10.55 -0.09
CA SER A 201 -0.24 9.42 0.53
C SER A 201 0.58 8.82 1.67
N LEU A 202 1.93 8.84 1.52
CA LEU A 202 2.77 8.33 2.62
C LEU A 202 2.73 9.25 3.84
N GLY A 203 2.70 10.55 3.62
CA GLY A 203 2.55 11.52 4.72
C GLY A 203 1.24 11.30 5.47
N ILE A 204 0.13 11.11 4.72
CA ILE A 204 -1.15 10.83 5.38
C ILE A 204 -1.08 9.51 6.15
N THR A 205 -0.45 8.46 5.56
CA THR A 205 -0.30 7.16 6.22
C THR A 205 0.49 7.32 7.53
N ALA A 206 1.52 8.20 7.55
CA ALA A 206 2.25 8.41 8.81
C ALA A 206 1.33 9.00 9.92
N ILE A 207 0.41 9.92 9.53
CA ILE A 207 -0.58 10.51 10.46
C ILE A 207 -1.55 9.39 10.90
N GLU A 208 -2.01 8.57 9.95
CA GLU A 208 -2.88 7.42 10.23
C GLU A 208 -2.24 6.47 11.26
N LEU A 209 -0.95 6.15 11.13
CA LEU A 209 -0.27 5.26 12.07
C LEU A 209 -0.15 5.90 13.45
N ALA A 210 -0.02 7.22 13.49
CA ALA A 210 0.08 7.98 14.73
C ALA A 210 -1.26 8.20 15.43
N GLU A 211 -2.34 8.31 14.64
CA GLU A 211 -3.64 8.74 15.17
C GLU A 211 -4.80 7.77 14.96
N LEU A 212 -4.56 6.61 14.32
CA LEU A 212 -5.54 5.54 14.11
C LEU A 212 -6.57 5.83 13.02
N GLN A 213 -6.46 6.96 12.36
CA GLN A 213 -7.29 7.33 11.21
C GLN A 213 -6.58 8.46 10.48
N PRO A 214 -6.83 8.58 9.16
CA PRO A 214 -6.22 9.71 8.42
C PRO A 214 -6.99 10.99 8.77
N PRO A 215 -6.40 12.17 8.48
CA PRO A 215 -7.15 13.43 8.73
C PRO A 215 -8.49 13.46 7.96
N LEU A 216 -9.49 14.14 8.51
CA LEU A 216 -10.83 14.26 7.88
C LEU A 216 -11.57 12.91 7.71
N PHE A 217 -11.16 11.82 8.38
CA PHE A 217 -11.81 10.51 8.22
C PHE A 217 -13.29 10.53 8.52
N ASP A 218 -13.71 11.42 9.43
CA ASP A 218 -15.10 11.61 9.85
C ASP A 218 -15.95 12.42 8.93
N VAL A 219 -15.35 12.96 7.86
CA VAL A 219 -16.04 13.79 6.90
C VAL A 219 -16.49 12.94 5.74
N HIS A 220 -17.67 13.26 5.17
CA HIS A 220 -18.21 12.54 4.02
C HIS A 220 -17.22 12.64 2.86
N PRO A 221 -16.94 11.52 2.17
CA PRO A 221 -15.97 11.56 1.07
C PRO A 221 -16.19 12.65 0.01
N LEU A 222 -17.44 12.96 -0.36
CA LEU A 222 -17.69 14.02 -1.35
C LEU A 222 -17.39 15.42 -0.78
N ARG A 223 -17.54 15.58 0.54
CA ARG A 223 -17.18 16.85 1.20
C ARG A 223 -15.65 16.97 1.25
N VAL A 224 -14.91 15.86 1.48
CA VAL A 224 -13.43 15.92 1.45
C VAL A 224 -12.98 16.32 0.02
N LEU A 225 -13.61 15.76 -1.00
CA LEU A 225 -13.26 16.13 -2.39
C LEU A 225 -13.53 17.60 -2.65
N PHE A 226 -14.65 18.12 -2.14
CA PHE A 226 -14.98 19.54 -2.26
C PHE A 226 -13.91 20.40 -1.58
N LEU A 227 -13.54 20.08 -0.32
CA LEU A 227 -12.56 20.86 0.42
C LEU A 227 -11.16 20.86 -0.21
N MET A 228 -10.73 19.70 -0.75
CA MET A 228 -9.37 19.59 -1.29
C MET A 228 -9.16 20.34 -2.60
N THR A 229 -10.24 20.66 -3.33
CA THR A 229 -10.09 21.42 -4.57
C THR A 229 -10.35 22.94 -4.35
N LYS A 230 -10.64 23.37 -3.11
CA LYS A 230 -10.81 24.80 -2.81
C LYS A 230 -9.42 25.41 -2.80
N SER A 231 -9.30 26.66 -3.27
CA SER A 231 -8.04 27.38 -3.39
C SER A 231 -7.26 27.50 -2.09
N GLY A 232 -7.95 27.81 -0.99
CA GLY A 232 -7.29 27.99 0.31
C GLY A 232 -7.11 26.74 1.14
N TYR A 233 -7.26 25.55 0.53
CA TYR A 233 -7.09 24.27 1.23
C TYR A 233 -5.68 24.18 1.86
N GLN A 234 -5.62 23.86 3.15
CA GLN A 234 -4.33 23.72 3.81
C GLN A 234 -4.03 22.25 4.10
N PRO A 235 -2.80 21.81 3.85
CA PRO A 235 -2.44 20.43 4.18
C PRO A 235 -2.64 20.11 5.67
N PRO A 236 -3.00 18.86 5.98
CA PRO A 236 -3.18 18.50 7.39
C PRO A 236 -1.88 18.38 8.18
N ARG A 237 -2.01 18.31 9.50
CA ARG A 237 -0.85 18.20 10.39
C ARG A 237 -1.17 17.21 11.50
N LEU A 238 -0.14 16.78 12.25
CA LEU A 238 -0.38 15.94 13.44
C LEU A 238 -1.18 16.76 14.49
N LYS A 239 -2.14 16.13 15.17
CA LYS A 239 -3.02 16.77 16.16
C LYS A 239 -2.29 17.21 17.43
N GLU A 240 -1.51 16.30 18.03
CA GLU A 240 -0.85 16.63 19.32
C GLU A 240 0.59 17.00 19.11
N LYS A 241 0.88 18.31 19.04
CA LYS A 241 2.21 18.84 18.76
C LYS A 241 3.30 18.31 19.68
N GLY A 242 3.02 18.30 20.98
CA GLY A 242 3.99 17.85 21.96
C GLY A 242 4.25 16.37 22.00
N LYS A 243 3.47 15.58 21.27
CA LYS A 243 3.67 14.13 21.27
C LYS A 243 4.76 13.69 20.29
N TRP A 244 5.12 14.55 19.32
CA TRP A 244 6.02 14.19 18.24
C TRP A 244 7.20 15.13 18.11
N SER A 245 8.31 14.63 17.58
CA SER A 245 9.52 15.45 17.45
C SER A 245 9.41 16.45 16.30
N ALA A 246 10.29 17.46 16.32
CA ALA A 246 10.36 18.43 15.21
C ALA A 246 10.66 17.71 13.88
N ALA A 247 11.49 16.66 13.92
CA ALA A 247 11.79 15.87 12.69
C ALA A 247 10.51 15.23 12.11
N PHE A 248 9.64 14.67 12.98
CA PHE A 248 8.39 14.05 12.48
C PHE A 248 7.45 15.13 11.96
N HIS A 249 7.33 16.27 12.68
CA HIS A 249 6.49 17.36 12.16
C HIS A 249 7.01 17.87 10.80
N ASN A 250 8.34 17.95 10.63
CA ASN A 250 8.91 18.42 9.36
C ASN A 250 8.67 17.38 8.26
N PHE A 251 8.78 16.09 8.60
CA PHE A 251 8.49 15.02 7.62
C PHE A 251 7.07 15.13 7.10
N ILE A 252 6.12 15.38 8.00
CA ILE A 252 4.72 15.55 7.59
C ILE A 252 4.59 16.82 6.73
N LYS A 253 5.27 17.90 7.16
CA LYS A 253 5.19 19.16 6.43
C LYS A 253 5.67 19.00 4.99
N VAL A 254 6.78 18.31 4.77
CA VAL A 254 7.33 18.23 3.40
C VAL A 254 6.64 17.16 2.53
N THR A 255 6.24 16.04 3.13
CA THR A 255 5.51 15.03 2.35
C THR A 255 4.13 15.58 1.96
N LEU A 256 3.53 16.43 2.84
CA LEU A 256 2.23 17.01 2.50
C LEU A 256 2.35 18.37 1.88
N THR A 257 3.37 18.58 1.02
CA THR A 257 3.51 19.86 0.32
C THR A 257 2.36 19.93 -0.72
N LYS A 258 1.57 21.00 -0.66
CA LYS A 258 0.38 21.12 -1.52
C LYS A 258 0.70 21.03 -3.01
N SER A 259 1.70 21.78 -3.46
CA SER A 259 2.11 21.74 -4.86
C SER A 259 3.01 20.56 -5.16
N PRO A 260 2.65 19.72 -6.13
CA PRO A 260 3.53 18.61 -6.49
C PRO A 260 4.87 19.11 -7.07
N LYS A 261 4.89 20.32 -7.65
CA LYS A 261 6.15 20.87 -8.18
C LYS A 261 7.15 21.22 -7.05
N LYS A 262 6.69 21.20 -5.78
CA LYS A 262 7.58 21.48 -4.63
C LYS A 262 7.72 20.29 -3.70
N ARG A 263 6.98 19.19 -3.93
CA ARG A 263 6.98 18.02 -3.09
C ARG A 263 8.15 17.13 -3.41
N PRO A 264 8.93 16.70 -2.39
CA PRO A 264 10.09 15.87 -2.68
C PRO A 264 9.77 14.49 -3.21
N SER A 265 10.70 13.94 -3.98
CA SER A 265 10.63 12.60 -4.53
C SER A 265 10.85 11.53 -3.45
N ALA A 266 10.55 10.25 -3.76
CA ALA A 266 10.81 9.17 -2.81
C ALA A 266 12.30 9.07 -2.49
N THR A 267 13.14 9.17 -3.52
CA THR A 267 14.60 9.14 -3.28
C THR A 267 15.06 10.30 -2.38
N LYS A 268 14.55 11.51 -2.63
CA LYS A 268 14.95 12.68 -1.82
C LYS A 268 14.50 12.48 -0.36
N MET A 269 13.26 11.99 -0.18
CA MET A 269 12.73 11.74 1.14
C MET A 269 13.56 10.76 1.93
N LEU A 270 14.23 9.82 1.25
CA LEU A 270 15.04 8.84 1.97
C LEU A 270 16.22 9.45 2.76
N SER A 271 16.60 10.70 2.44
CA SER A 271 17.68 11.33 3.23
C SER A 271 17.11 12.29 4.32
N HIS A 272 15.76 12.33 4.48
CA HIS A 272 15.14 13.15 5.52
C HIS A 272 15.57 12.57 6.88
N GLN A 273 15.80 13.43 7.85
CA GLN A 273 16.25 13.03 9.18
C GLN A 273 15.37 11.96 9.83
N LEU A 274 14.04 12.02 9.59
CA LEU A 274 13.17 11.06 10.26
C LEU A 274 13.47 9.61 9.81
N VAL A 275 13.75 9.41 8.52
CA VAL A 275 13.95 8.06 7.99
C VAL A 275 15.38 7.66 7.74
N SER A 276 16.32 8.61 7.86
CA SER A 276 17.74 8.28 7.69
C SER A 276 18.44 8.11 9.05
N GLN A 277 17.72 8.36 10.17
CA GLN A 277 18.31 8.24 11.50
C GLN A 277 18.70 6.80 11.82
N PRO A 278 19.75 6.63 12.64
CA PRO A 278 20.13 5.26 13.01
C PRO A 278 19.11 4.59 13.93
N GLY A 279 19.17 3.28 14.00
CA GLY A 279 18.32 2.51 14.91
C GLY A 279 16.94 2.17 14.37
N LEU A 280 16.76 2.26 13.05
CA LEU A 280 15.49 1.90 12.45
C LEU A 280 15.62 0.51 11.85
N ASN A 281 14.98 -0.47 12.47
CA ASN A 281 15.07 -1.86 12.03
C ASN A 281 13.82 -2.64 12.42
N ARG A 282 13.67 -3.88 11.89
CA ARG A 282 12.52 -4.73 12.10
C ARG A 282 12.24 -5.06 13.56
N GLY A 283 13.23 -4.93 14.43
CA GLY A 283 13.04 -5.14 15.87
C GLY A 283 12.04 -4.16 16.45
N LEU A 284 11.93 -2.94 15.88
CA LEU A 284 10.90 -1.99 16.34
C LEU A 284 9.50 -2.55 16.08
N ILE A 285 9.34 -3.23 14.94
CA ILE A 285 8.05 -3.84 14.59
C ILE A 285 7.82 -5.13 15.35
N LEU A 286 8.90 -5.88 15.69
CA LEU A 286 8.78 -7.06 16.55
C LEU A 286 8.25 -6.65 17.93
N ASP A 287 8.68 -5.47 18.44
CA ASP A 287 8.17 -4.92 19.70
C ASP A 287 6.68 -4.62 19.54
N LEU A 288 6.28 -4.04 18.41
CA LEU A 288 4.89 -3.73 18.10
C LEU A 288 4.05 -5.03 18.07
N LEU A 289 4.55 -6.09 17.41
CA LEU A 289 3.84 -7.37 17.35
C LEU A 289 3.74 -8.06 18.72
N ASP A 290 4.71 -7.79 19.61
CA ASP A 290 4.65 -8.32 20.97
C ASP A 290 3.43 -7.72 21.71
N LYS A 291 3.05 -6.47 21.39
CA LYS A 291 1.88 -5.83 22.00
C LYS A 291 0.55 -6.56 21.67
N LEU A 292 0.51 -7.34 20.57
CA LEU A 292 -0.69 -8.09 20.19
C LEU A 292 -1.05 -9.15 21.21
N LYS A 293 -0.05 -9.73 21.87
CA LYS A 293 -0.24 -10.78 22.87
C LYS A 293 -0.96 -10.26 24.11
N ASN A 294 -0.69 -9.00 24.50
CA ASN A 294 -1.36 -8.39 25.64
C ASN A 294 -2.52 -7.53 25.18
C1 A1ITB B . -3.17 -12.02 6.74
C2 A1ITB B . -3.37 -11.27 5.56
C3 A1ITB B . -4.33 -10.35 5.90
N6 A1ITB B . -4.21 -6.33 0.88
C7 A1ITB B . -2.00 -10.68 2.22
C8 A1ITB B . -3.36 -9.29 1.01
C9 A1ITB B . -4.35 -9.33 2.07
C10 A1ITB B . -5.68 -8.64 2.07
C11 A1ITB B . -6.91 -9.49 2.27
C12 A1ITB B . -6.49 -8.56 3.34
C13 A1ITB B . -3.44 -8.49 -0.24
C14 A1ITB B . -3.06 -9.00 -1.49
C15 A1ITB B . -3.44 -7.01 -2.56
C16 A1ITB B . -3.81 -6.43 -1.37
C19 A1ITB B . -4.38 -4.03 -1.95
C20 A1ITB B . -0.69 -11.43 2.28
O A1ITB B . -0.38 -12.09 3.27
N8 A1ITB B . 0.09 -11.34 1.19
N3 A1ITB B . -2.21 -9.96 1.11
C17 A1ITB B . -3.80 -7.14 -0.17
C18 A1ITB B . -4.44 -5.17 0.31
N7 A1ITB B . -4.22 -5.15 -1.03
N5 A1ITB B . -3.07 -8.29 -2.62
N4 A1ITB B . -4.11 -10.07 3.15
C6 A1ITB B . -2.94 -10.73 3.23
N2 A1ITB B . -2.69 -11.48 4.38
N A1ITB B . -4.65 -10.58 7.19
C4 A1ITB B . -5.64 -9.87 8.00
C5 A1ITB B . -7.02 -10.38 7.70
F2 A1ITB B . -7.41 -10.13 6.45
F1 A1ITB B . -7.96 -9.84 8.49
F A1ITB B . -7.11 -11.70 7.85
N1 A1ITB B . -3.95 -11.60 7.70
C A1ITB B . -2.24 -13.17 6.97
C1 EDO C . -9.21 3.27 10.00
O1 EDO C . -9.48 4.22 11.03
C2 EDO C . -8.59 4.05 8.81
O2 EDO C . -7.25 4.43 9.18
C1 EDO D . -11.52 21.56 -16.86
O1 EDO D . -10.82 21.47 -15.59
C2 EDO D . -13.00 21.97 -16.67
O2 EDO D . -13.06 23.27 -16.09
#